data_6G2Z
#
_entry.id   6G2Z
#
_cell.length_a   92.389
_cell.length_b   92.389
_cell.length_c   65.988
_cell.angle_alpha   90.00
_cell.angle_beta   90.00
_cell.angle_gamma   120.00
#
_symmetry.space_group_name_H-M   'P 61'
#
loop_
_entity.id
_entity.type
_entity.pdbx_description
1 polymer 'Transitional endoplasmic reticulum ATPase'
2 non-polymer (4S)-2-METHYL-2,4-PENTANEDIOL
3 non-polymer 'DIMETHYL SULFOXIDE'
4 non-polymer "ADENOSINE-5'-DIPHOSPHATE"
5 non-polymer 'SODIUM ION'
6 non-polymer (3-phenyl-1,2-oxazol-5-yl)methylazanium
7 water water
#
_entity_poly.entity_id   1
_entity_poly.type   'polypeptide(L)'
_entity_poly.pdbx_seq_one_letter_code
;GPGSALRETVVEVPQVTWEDIGGLEDVKRELQELVQYPVEHPDKFLKFGMTPSKGVLFYGPPGCGKTLLAKAIANECQAN
FISIKGPELLTMWFGESEANVREIFDKARQAAPCVLFFDELDSIAKARGGNIGDGGGAADRVINQILTEMDGMSTKKNVF
IIGATNRPDIIDPAILRPGRLDQLIYIPLPDEKSRVAILKANLRKSPVAKDVDLEFLAKMTNGFSGADLTEICQRACKLA
IRESIESEIRRERERQTNPSAMEVEEDDPVPEIRRDHFEEAMRFARRSVSDNDIRKYEMFAQTLQQ
;
_entity_poly.pdbx_strand_id   A
#
# COMPACT_ATOMS: atom_id res chain seq x y z
N VAL A 10 9.47 -12.77 -8.70
CA VAL A 10 9.71 -13.80 -7.69
C VAL A 10 8.54 -13.84 -6.72
N VAL A 11 8.33 -14.99 -6.08
CA VAL A 11 7.23 -15.19 -5.14
C VAL A 11 7.81 -15.50 -3.76
N GLU A 12 7.33 -14.79 -2.75
CA GLU A 12 7.89 -14.84 -1.40
C GLU A 12 6.88 -14.26 -0.44
N VAL A 13 7.13 -14.47 0.85
CA VAL A 13 6.40 -13.75 1.90
C VAL A 13 7.03 -12.38 2.09
N PRO A 14 6.28 -11.28 1.99
CA PRO A 14 6.89 -9.96 2.13
C PRO A 14 7.37 -9.70 3.54
N GLN A 15 8.32 -8.78 3.65
CA GLN A 15 8.87 -8.37 4.93
C GLN A 15 8.12 -7.21 5.56
N VAL A 16 7.33 -6.46 4.80
CA VAL A 16 6.64 -5.30 5.37
C VAL A 16 5.59 -5.77 6.37
N THR A 17 5.50 -5.07 7.50
CA THR A 17 4.55 -5.37 8.55
C THR A 17 3.64 -4.18 8.76
N TRP A 18 2.60 -4.36 9.59
CA TRP A 18 1.72 -3.24 9.95
C TRP A 18 2.52 -2.09 10.54
N GLU A 19 3.59 -2.41 11.27
CA GLU A 19 4.41 -1.42 11.94
C GLU A 19 5.12 -0.48 10.97
N ASP A 20 5.32 -0.90 9.72
CA ASP A 20 5.94 -0.06 8.72
C ASP A 20 4.98 0.95 8.11
N ILE A 21 3.71 0.94 8.50
CA ILE A 21 2.66 1.73 7.86
C ILE A 21 2.14 2.76 8.87
N GLY A 22 2.32 4.04 8.57
CA GLY A 22 1.85 5.10 9.43
C GLY A 22 0.42 5.48 9.12
N GLY A 23 -0.35 5.77 10.17
CA GLY A 23 -1.76 6.08 10.02
C GLY A 23 -2.57 4.83 9.68
N LEU A 24 -3.77 5.08 9.13
CA LEU A 24 -4.66 4.03 8.61
C LEU A 24 -4.98 2.96 9.64
N GLU A 25 -5.08 3.35 10.92
CA GLU A 25 -5.29 2.37 11.99
C GLU A 25 -6.65 1.69 11.86
N ASP A 26 -7.69 2.44 11.49
CA ASP A 26 -9.01 1.85 11.22
C ASP A 26 -8.93 0.79 10.12
N VAL A 27 -8.33 1.16 8.99
CA VAL A 27 -8.17 0.23 7.87
C VAL A 27 -7.41 -1.02 8.32
N LYS A 28 -6.42 -0.86 9.19
CA LYS A 28 -5.59 -2.00 9.57
C LYS A 28 -6.36 -3.01 10.41
N ARG A 29 -7.12 -2.56 11.41
CA ARG A 29 -7.85 -3.58 12.17
C ARG A 29 -9.02 -4.16 11.38
N GLU A 30 -9.53 -3.44 10.37
CA GLU A 30 -10.52 -4.05 9.49
C GLU A 30 -9.92 -5.17 8.65
N LEU A 31 -8.70 -4.96 8.14
CA LEU A 31 -8.05 -6.00 7.36
C LEU A 31 -7.64 -7.18 8.24
N GLN A 32 -7.13 -6.90 9.44
CA GLN A 32 -6.80 -7.96 10.37
C GLN A 32 -8.03 -8.82 10.67
N GLU A 33 -9.16 -8.17 10.97
CA GLU A 33 -10.39 -8.92 11.23
C GLU A 33 -10.84 -9.68 9.99
N LEU A 34 -10.56 -9.14 8.81
CA LEU A 34 -10.96 -9.80 7.58
C LEU A 34 -10.20 -11.09 7.32
N VAL A 35 -9.05 -11.28 7.97
CA VAL A 35 -8.25 -12.49 7.74
C VAL A 35 -7.93 -13.24 9.03
N GLN A 36 -7.82 -12.52 10.16
CA GLN A 36 -7.55 -13.21 11.42
C GLN A 36 -8.76 -13.99 11.91
N TYR A 37 -9.96 -13.54 11.57
CA TYR A 37 -11.18 -14.17 12.11
C TYR A 37 -11.34 -15.60 11.62
N PRO A 38 -11.12 -15.94 10.33
CA PRO A 38 -11.24 -17.35 9.92
C PRO A 38 -10.40 -18.33 10.71
N VAL A 39 -9.23 -17.92 11.19
CA VAL A 39 -8.32 -18.82 11.87
C VAL A 39 -8.29 -18.61 13.39
N GLU A 40 -8.78 -17.48 13.89
CA GLU A 40 -8.82 -17.25 15.33
C GLU A 40 -10.12 -17.72 15.97
N HIS A 41 -11.22 -17.72 15.22
CA HIS A 41 -12.51 -18.23 15.70
C HIS A 41 -13.12 -19.13 14.63
N PRO A 42 -12.55 -20.32 14.41
CA PRO A 42 -13.15 -21.22 13.42
C PRO A 42 -14.45 -21.83 13.89
N ASP A 43 -14.64 -21.99 15.21
CA ASP A 43 -15.86 -22.60 15.73
C ASP A 43 -17.07 -21.72 15.48
N LYS A 44 -16.91 -20.40 15.58
CA LYS A 44 -18.01 -19.49 15.35
C LYS A 44 -18.22 -19.25 13.86
N PHE A 45 -17.14 -19.40 13.08
CA PHE A 45 -17.30 -19.35 11.63
C PHE A 45 -18.06 -20.55 11.13
N LEU A 46 -17.89 -21.69 11.80
CA LEU A 46 -18.72 -22.84 11.55
C LEU A 46 -20.14 -22.63 12.06
N LYS A 47 -20.29 -21.99 13.22
CA LYS A 47 -21.59 -21.93 13.90
C LYS A 47 -22.63 -21.21 13.06
N PHE A 48 -22.25 -20.16 12.34
CA PHE A 48 -23.23 -19.29 11.72
C PHE A 48 -23.24 -19.34 10.19
N GLY A 49 -22.27 -20.00 9.57
CA GLY A 49 -22.25 -20.08 8.12
C GLY A 49 -21.59 -18.91 7.43
N MET A 50 -20.44 -18.45 7.93
CA MET A 50 -19.70 -17.38 7.30
C MET A 50 -18.68 -17.96 6.32
N THR A 51 -18.63 -17.38 5.11
CA THR A 51 -17.58 -17.70 4.14
C THR A 51 -16.50 -16.63 4.18
N PRO A 52 -15.22 -17.00 4.28
CA PRO A 52 -14.17 -15.97 4.30
C PRO A 52 -14.23 -15.05 3.10
N SER A 53 -13.71 -13.83 3.25
CA SER A 53 -13.70 -12.87 2.16
C SER A 53 -12.71 -13.29 1.09
N LYS A 54 -13.00 -12.92 -0.16
CA LYS A 54 -12.11 -13.28 -1.24
C LYS A 54 -11.32 -12.10 -1.77
N GLY A 55 -11.81 -10.87 -1.59
CA GLY A 55 -11.11 -9.72 -2.12
C GLY A 55 -11.52 -8.35 -1.64
N VAL A 56 -10.60 -7.39 -1.78
CA VAL A 56 -10.84 -5.99 -1.46
C VAL A 56 -10.32 -5.14 -2.61
N LEU A 57 -10.87 -3.93 -2.75
CA LEU A 57 -10.39 -2.97 -3.73
C LEU A 57 -10.02 -1.67 -3.01
N PHE A 58 -8.74 -1.31 -3.05
CA PHE A 58 -8.23 -0.07 -2.46
C PHE A 58 -8.33 1.06 -3.50
N TYR A 59 -8.67 2.27 -3.04
CA TYR A 59 -8.63 3.43 -3.92
C TYR A 59 -8.18 4.67 -3.15
N GLY A 60 -7.60 5.62 -3.87
CA GLY A 60 -7.11 6.84 -3.30
C GLY A 60 -5.95 7.43 -4.10
N PRO A 61 -5.40 8.54 -3.62
CA PRO A 61 -4.30 9.20 -4.33
C PRO A 61 -3.05 8.35 -4.35
N PRO A 62 -2.16 8.56 -5.32
CA PRO A 62 -0.94 7.75 -5.39
C PRO A 62 -0.01 8.00 -4.21
N GLY A 63 0.70 6.94 -3.82
CA GLY A 63 1.74 7.05 -2.82
C GLY A 63 1.26 7.13 -1.39
N CYS A 64 0.11 6.54 -1.07
CA CYS A 64 -0.45 6.66 0.28
C CYS A 64 -0.59 5.32 1.01
N GLY A 65 -0.15 4.22 0.42
CA GLY A 65 -0.01 2.96 1.15
C GLY A 65 -0.83 1.76 0.69
N LYS A 66 -1.42 1.82 -0.51
CA LYS A 66 -2.23 0.70 -0.97
C LYS A 66 -1.38 -0.54 -1.19
N THR A 67 -0.21 -0.38 -1.83
CA THR A 67 0.70 -1.50 -2.03
C THR A 67 1.24 -2.03 -0.70
N LEU A 68 1.64 -1.11 0.19
CA LEU A 68 2.14 -1.49 1.50
C LEU A 68 1.13 -2.34 2.27
N LEU A 69 -0.16 -1.96 2.22
CA LEU A 69 -1.18 -2.72 2.93
C LEU A 69 -1.36 -4.11 2.36
N ALA A 70 -1.29 -4.25 1.02
CA ALA A 70 -1.41 -5.56 0.40
C ALA A 70 -0.27 -6.48 0.82
N LYS A 71 0.95 -5.94 0.91
CA LYS A 71 2.09 -6.74 1.34
C LYS A 71 2.01 -7.07 2.84
N ALA A 72 1.47 -6.16 3.65
CA ALA A 72 1.35 -6.43 5.08
C ALA A 72 0.29 -7.49 5.37
N ILE A 73 -0.77 -7.55 4.56
CA ILE A 73 -1.76 -8.61 4.70
C ILE A 73 -1.12 -9.97 4.46
N ALA A 74 -0.26 -10.07 3.44
CA ALA A 74 0.41 -11.33 3.15
C ALA A 74 1.39 -11.71 4.25
N ASN A 75 2.09 -10.71 4.79
CA ASN A 75 3.04 -10.95 5.88
C ASN A 75 2.32 -11.45 7.13
N GLU A 76 1.13 -10.89 7.39
CA GLU A 76 0.34 -11.32 8.54
C GLU A 76 -0.10 -12.77 8.41
N CYS A 77 -0.50 -13.19 7.21
CA CYS A 77 -0.96 -14.55 6.95
C CYS A 77 0.17 -15.52 6.63
N GLN A 78 1.43 -15.08 6.68
CA GLN A 78 2.57 -15.90 6.23
C GLN A 78 2.30 -16.48 4.84
N ALA A 79 1.83 -15.61 3.94
CA ALA A 79 1.39 -16.01 2.61
C ALA A 79 2.32 -15.44 1.55
N ASN A 80 2.45 -16.18 0.45
CA ASN A 80 3.17 -15.69 -0.73
C ASN A 80 2.48 -14.45 -1.30
N PHE A 81 3.24 -13.65 -2.03
CA PHE A 81 2.76 -12.40 -2.63
C PHE A 81 3.12 -12.36 -4.11
N ILE A 82 2.11 -12.16 -4.96
CA ILE A 82 2.28 -12.07 -6.41
C ILE A 82 1.71 -10.74 -6.86
N SER A 83 2.50 -9.97 -7.59
CA SER A 83 2.13 -8.62 -7.99
C SER A 83 2.06 -8.55 -9.50
N ILE A 84 1.03 -7.87 -10.02
CA ILE A 84 0.83 -7.69 -11.44
C ILE A 84 0.35 -6.27 -11.70
N LYS A 85 1.07 -5.55 -12.56
CA LYS A 85 0.66 -4.21 -12.94
C LYS A 85 -0.23 -4.26 -14.17
N GLY A 86 -1.33 -3.51 -14.13
CA GLY A 86 -2.35 -3.53 -15.15
C GLY A 86 -1.89 -3.36 -16.58
N PRO A 87 -1.03 -2.38 -16.85
CA PRO A 87 -0.56 -2.18 -18.24
C PRO A 87 0.12 -3.40 -18.86
N GLU A 88 0.66 -4.31 -18.06
CA GLU A 88 1.49 -5.38 -18.59
C GLU A 88 0.71 -6.63 -18.96
N LEU A 89 -0.62 -6.62 -18.85
CA LEU A 89 -1.43 -7.71 -19.40
C LEU A 89 -1.90 -7.41 -20.82
N LEU A 90 -1.05 -6.78 -21.62
CA LEU A 90 -1.39 -6.38 -22.99
C LEU A 90 -0.29 -6.88 -23.91
N THR A 91 -0.65 -7.80 -24.80
CA THR A 91 0.28 -8.34 -25.79
C THR A 91 -0.24 -8.11 -27.20
N SER A 97 -4.60 -13.58 -26.16
CA SER A 97 -3.85 -13.23 -24.95
C SER A 97 -4.79 -12.92 -23.79
N GLU A 98 -5.95 -13.56 -23.80
CA GLU A 98 -6.83 -13.58 -22.64
C GLU A 98 -6.53 -14.73 -21.71
N ALA A 99 -5.77 -15.73 -22.17
CA ALA A 99 -5.24 -16.77 -21.31
C ALA A 99 -4.14 -16.26 -20.40
N ASN A 100 -3.63 -15.05 -20.64
CA ASN A 100 -2.73 -14.42 -19.67
C ASN A 100 -3.37 -14.37 -18.30
N VAL A 101 -4.65 -13.98 -18.24
CA VAL A 101 -5.37 -13.92 -16.97
C VAL A 101 -5.50 -15.31 -16.35
N ARG A 102 -5.73 -16.34 -17.17
CA ARG A 102 -5.90 -17.69 -16.64
C ARG A 102 -4.61 -18.20 -16.01
N GLU A 103 -3.46 -17.87 -16.59
CA GLU A 103 -2.19 -18.40 -16.06
C GLU A 103 -1.81 -17.73 -14.76
N ILE A 104 -2.15 -16.46 -14.58
CA ILE A 104 -1.85 -15.79 -13.31
C ILE A 104 -2.63 -16.41 -12.17
N PHE A 105 -3.90 -16.73 -12.40
CA PHE A 105 -4.68 -17.35 -11.35
C PHE A 105 -4.21 -18.76 -11.07
N ASP A 106 -3.72 -19.47 -12.10
CA ASP A 106 -3.11 -20.78 -11.89
C ASP A 106 -1.91 -20.66 -10.96
N LYS A 107 -1.00 -19.72 -11.26
CA LYS A 107 0.22 -19.58 -10.47
C LYS A 107 -0.11 -19.18 -9.03
N ALA A 108 -1.12 -18.33 -8.85
CA ALA A 108 -1.54 -17.97 -7.49
C ALA A 108 -2.07 -19.18 -6.75
N ARG A 109 -2.91 -19.98 -7.42
CA ARG A 109 -3.40 -21.23 -6.82
C ARG A 109 -2.24 -22.17 -6.51
N GLN A 110 -1.25 -22.22 -7.41
CA GLN A 110 -0.10 -23.08 -7.17
C GLN A 110 0.70 -22.63 -5.97
N ALA A 111 0.65 -21.35 -5.65
CA ALA A 111 1.47 -20.76 -4.58
C ALA A 111 0.69 -20.57 -3.29
N ALA A 112 -0.48 -21.19 -3.15
CA ALA A 112 -1.33 -20.97 -2.00
C ALA A 112 -0.67 -21.47 -0.71
N PRO A 113 -0.90 -20.81 0.43
CA PRO A 113 -1.68 -19.57 0.59
C PRO A 113 -0.97 -18.35 -0.01
N CYS A 114 -1.75 -17.46 -0.64
CA CYS A 114 -1.19 -16.47 -1.53
C CYS A 114 -2.08 -15.23 -1.61
N VAL A 115 -1.45 -14.06 -1.67
CA VAL A 115 -2.12 -12.79 -1.94
C VAL A 115 -1.81 -12.42 -3.39
N LEU A 116 -2.86 -12.17 -4.18
CA LEU A 116 -2.74 -11.80 -5.58
C LEU A 116 -3.15 -10.33 -5.73
N PHE A 117 -2.20 -9.48 -6.12
CA PHE A 117 -2.36 -8.03 -6.11
C PHE A 117 -2.36 -7.49 -7.54
N PHE A 118 -3.49 -6.91 -7.95
CA PHE A 118 -3.62 -6.27 -9.25
C PHE A 118 -3.43 -4.77 -9.06
N ASP A 119 -2.27 -4.26 -9.47
CA ASP A 119 -1.97 -2.84 -9.37
C ASP A 119 -2.33 -2.12 -10.68
N GLU A 120 -2.48 -0.81 -10.58
CA GLU A 120 -2.74 0.04 -11.76
C GLU A 120 -3.93 -0.48 -12.57
N LEU A 121 -5.05 -0.69 -11.89
CA LEU A 121 -6.23 -1.19 -12.59
C LEU A 121 -6.98 -0.08 -13.31
N ASP A 122 -6.75 1.18 -12.93
CA ASP A 122 -7.34 2.32 -13.64
C ASP A 122 -6.90 2.37 -15.09
N SER A 123 -5.72 1.81 -15.39
CA SER A 123 -5.20 1.85 -16.75
C SER A 123 -6.01 0.98 -17.70
N ILE A 124 -6.54 -0.16 -17.22
CA ILE A 124 -7.40 -0.99 -18.05
C ILE A 124 -8.84 -0.50 -18.02
N ALA A 125 -9.23 0.25 -16.99
CA ALA A 125 -10.50 0.96 -17.04
C ALA A 125 -10.52 2.02 -18.13
N LYS A 126 -9.38 2.25 -18.78
CA LYS A 126 -9.25 3.19 -19.90
C LYS A 126 -9.66 4.60 -19.47
N ALA A 138 -11.91 -6.40 -26.41
CA ALA A 138 -10.46 -6.24 -26.40
C ALA A 138 -9.98 -6.22 -24.96
N ALA A 139 -9.45 -5.08 -24.54
CA ALA A 139 -9.31 -4.83 -23.11
C ALA A 139 -10.66 -4.95 -22.42
N ASP A 140 -11.76 -4.79 -23.16
CA ASP A 140 -13.10 -4.94 -22.62
C ASP A 140 -13.25 -6.18 -21.76
N ARG A 141 -12.51 -7.25 -22.04
CA ARG A 141 -12.69 -8.37 -21.13
C ARG A 141 -11.49 -9.32 -21.01
N VAL A 142 -10.30 -8.72 -20.97
CA VAL A 142 -9.33 -9.10 -19.95
C VAL A 142 -10.08 -8.96 -18.63
N ILE A 143 -11.01 -8.00 -18.60
CA ILE A 143 -11.92 -7.79 -17.47
C ILE A 143 -12.79 -9.02 -17.24
N ASN A 144 -13.64 -9.38 -18.22
CA ASN A 144 -14.50 -10.55 -18.08
C ASN A 144 -13.72 -11.79 -17.67
N GLN A 145 -12.53 -11.96 -18.23
CA GLN A 145 -11.67 -13.06 -17.81
C GLN A 145 -11.35 -12.96 -16.32
N ILE A 146 -10.94 -11.78 -15.88
CA ILE A 146 -10.68 -11.58 -14.45
C ILE A 146 -11.93 -11.91 -13.65
N LEU A 147 -13.09 -11.38 -14.07
CA LEU A 147 -14.33 -11.65 -13.35
C LEU A 147 -14.66 -13.14 -13.35
N THR A 148 -14.40 -13.84 -14.44
CA THR A 148 -14.75 -15.26 -14.49
C THR A 148 -13.80 -16.09 -13.64
N GLU A 149 -12.50 -15.78 -13.68
CA GLU A 149 -11.55 -16.43 -12.79
C GLU A 149 -11.95 -16.29 -11.33
N MET A 150 -12.44 -15.10 -10.94
CA MET A 150 -12.84 -14.91 -9.55
C MET A 150 -14.07 -15.74 -9.21
N ASP A 151 -15.04 -15.79 -10.11
CA ASP A 151 -16.25 -16.56 -9.85
C ASP A 151 -15.93 -18.05 -9.76
N GLY A 152 -14.99 -18.53 -10.58
CA GLY A 152 -14.60 -19.91 -10.60
C GLY A 152 -13.60 -20.35 -9.56
N MET A 153 -13.26 -19.50 -8.59
CA MET A 153 -12.31 -19.85 -7.54
C MET A 153 -12.96 -19.69 -6.18
N SER A 154 -13.01 -20.80 -5.44
CA SER A 154 -13.58 -20.89 -4.11
C SER A 154 -12.66 -20.26 -3.06
N THR A 155 -13.23 -19.92 -1.90
CA THR A 155 -12.40 -19.51 -0.77
C THR A 155 -11.55 -20.65 -0.20
N LYS A 156 -11.87 -21.90 -0.56
CA LYS A 156 -11.05 -23.03 -0.11
C LYS A 156 -9.71 -23.12 -0.82
N LYS A 157 -9.50 -22.36 -1.90
CA LYS A 157 -8.22 -22.34 -2.58
C LYS A 157 -7.16 -21.52 -1.85
N ASN A 158 -7.55 -20.76 -0.83
CA ASN A 158 -6.64 -19.96 -0.01
C ASN A 158 -5.89 -18.90 -0.83
N VAL A 159 -6.61 -18.26 -1.75
CA VAL A 159 -6.06 -17.14 -2.51
C VAL A 159 -6.92 -15.91 -2.21
N PHE A 160 -6.27 -14.85 -1.76
CA PHE A 160 -6.93 -13.58 -1.41
C PHE A 160 -6.55 -12.53 -2.45
N ILE A 161 -7.54 -11.92 -3.08
CA ILE A 161 -7.32 -11.02 -4.22
C ILE A 161 -7.43 -9.58 -3.72
N ILE A 162 -6.52 -8.72 -4.16
CA ILE A 162 -6.55 -7.29 -3.82
C ILE A 162 -6.32 -6.49 -5.08
N GLY A 163 -7.17 -5.49 -5.32
CA GLY A 163 -6.95 -4.55 -6.40
C GLY A 163 -6.67 -3.17 -5.86
N ALA A 164 -6.06 -2.30 -6.65
CA ALA A 164 -5.83 -0.92 -6.25
C ALA A 164 -5.98 -0.01 -7.46
N THR A 165 -6.52 1.19 -7.24
CA THR A 165 -6.70 2.15 -8.33
C THR A 165 -6.59 3.58 -7.83
N ASN A 166 -6.16 4.46 -8.73
CA ASN A 166 -6.10 5.90 -8.52
CA ASN A 166 -6.14 5.89 -8.45
C ASN A 166 -7.30 6.62 -9.11
N ARG A 167 -8.22 5.90 -9.74
CA ARG A 167 -9.37 6.49 -10.43
C ARG A 167 -10.66 5.77 -10.03
N PRO A 168 -11.17 6.03 -8.82
CA PRO A 168 -12.42 5.35 -8.41
C PRO A 168 -13.65 5.77 -9.19
N ASP A 169 -13.57 6.81 -10.04
CA ASP A 169 -14.76 7.21 -10.78
C ASP A 169 -15.11 6.22 -11.90
N ILE A 170 -14.11 5.50 -12.41
CA ILE A 170 -14.34 4.60 -13.55
C ILE A 170 -14.22 3.14 -13.13
N ILE A 171 -14.63 2.83 -11.90
CA ILE A 171 -14.72 1.45 -11.46
C ILE A 171 -15.99 0.83 -12.05
N ASP A 172 -15.84 -0.22 -12.83
CA ASP A 172 -16.98 -1.04 -13.21
C ASP A 172 -17.53 -1.72 -11.97
N PRO A 173 -18.76 -1.41 -11.54
CA PRO A 173 -19.29 -2.01 -10.30
C PRO A 173 -19.52 -3.51 -10.39
N ALA A 174 -19.28 -4.14 -11.54
CA ALA A 174 -19.40 -5.58 -11.64
C ALA A 174 -18.35 -6.28 -10.77
N ILE A 175 -17.18 -5.65 -10.59
CA ILE A 175 -16.11 -6.24 -9.80
C ILE A 175 -16.39 -6.19 -8.32
N LEU A 176 -17.41 -5.47 -7.89
CA LEU A 176 -17.76 -5.37 -6.48
C LEU A 176 -18.96 -6.22 -6.07
N ARG A 177 -19.51 -6.99 -6.99
CA ARG A 177 -20.64 -7.84 -6.66
C ARG A 177 -20.22 -8.89 -5.62
N PRO A 178 -21.13 -9.28 -4.72
CA PRO A 178 -20.79 -10.30 -3.72
C PRO A 178 -20.25 -11.57 -4.37
N GLY A 179 -19.16 -12.08 -3.80
CA GLY A 179 -18.43 -13.18 -4.38
C GLY A 179 -17.18 -12.76 -5.12
N ARG A 180 -17.02 -11.46 -5.38
CA ARG A 180 -15.81 -10.92 -5.98
C ARG A 180 -15.07 -10.10 -4.90
N LEU A 181 -14.68 -8.87 -5.16
CA LEU A 181 -14.06 -8.04 -4.12
C LEU A 181 -15.13 -7.56 -3.13
N ASP A 182 -14.98 -7.97 -1.86
CA ASP A 182 -16.02 -7.78 -0.86
C ASP A 182 -16.18 -6.35 -0.37
N GLN A 183 -15.11 -5.57 -0.33
CA GLN A 183 -15.18 -4.23 0.23
C GLN A 183 -14.32 -3.28 -0.57
N LEU A 184 -14.86 -2.09 -0.79
CA LEU A 184 -14.13 -0.96 -1.34
C LEU A 184 -13.65 -0.10 -0.17
N ILE A 185 -12.35 0.21 -0.14
CA ILE A 185 -11.73 0.83 1.01
C ILE A 185 -10.94 2.06 0.56
N TYR A 186 -11.24 3.21 1.16
CA TYR A 186 -10.59 4.48 0.86
C TYR A 186 -9.28 4.58 1.63
N ILE A 187 -8.22 4.91 0.91
CA ILE A 187 -6.88 5.10 1.47
C ILE A 187 -6.51 6.57 1.21
N PRO A 188 -6.72 7.48 2.16
CA PRO A 188 -6.59 8.91 1.88
C PRO A 188 -5.19 9.46 2.11
N LEU A 189 -4.98 10.68 1.62
CA LEU A 189 -3.82 11.46 2.01
C LEU A 189 -3.72 11.52 3.54
N PRO A 190 -2.52 11.47 4.11
CA PRO A 190 -2.38 11.46 5.57
C PRO A 190 -2.75 12.80 6.17
N ASP A 191 -3.51 12.77 7.27
CA ASP A 191 -3.73 13.99 8.05
C ASP A 191 -2.49 14.24 8.91
N GLU A 192 -2.54 15.27 9.76
CA GLU A 192 -1.34 15.68 10.46
C GLU A 192 -0.84 14.60 11.42
N LYS A 193 -1.75 13.97 12.16
CA LYS A 193 -1.34 12.86 13.02
C LYS A 193 -0.74 11.72 12.21
N SER A 194 -1.30 11.44 11.04
CA SER A 194 -0.78 10.36 10.20
C SER A 194 0.60 10.70 9.63
N ARG A 195 0.85 11.98 9.35
CA ARG A 195 2.15 12.38 8.81
C ARG A 195 3.26 12.16 9.83
N VAL A 196 2.99 12.42 11.12
CA VAL A 196 3.95 12.08 12.16
C VAL A 196 4.23 10.57 12.18
N ALA A 197 3.16 9.76 12.08
CA ALA A 197 3.35 8.31 12.15
C ALA A 197 4.13 7.77 10.95
N ILE A 198 3.96 8.39 9.78
CA ILE A 198 4.68 7.94 8.58
C ILE A 198 6.17 8.24 8.72
N LEU A 199 6.51 9.47 9.14
CA LEU A 199 7.90 9.81 9.42
C LEU A 199 8.51 8.86 10.45
N LYS A 200 7.79 8.61 11.54
CA LYS A 200 8.31 7.72 12.59
C LYS A 200 8.51 6.31 12.07
N ALA A 201 7.58 5.82 11.25
CA ALA A 201 7.71 4.45 10.73
C ALA A 201 8.87 4.35 9.76
N ASN A 202 9.02 5.33 8.88
CA ASN A 202 10.14 5.33 7.95
C ASN A 202 11.49 5.39 8.67
N LEU A 203 11.54 6.10 9.80
CA LEU A 203 12.78 6.32 10.54
C LEU A 203 12.95 5.35 11.71
N ARG A 204 12.17 4.27 11.75
CA ARG A 204 12.05 3.44 12.95
C ARG A 204 13.37 2.79 13.33
N LYS A 205 14.26 2.53 12.35
CA LYS A 205 15.53 1.86 12.61
C LYS A 205 16.73 2.68 12.14
N SER A 206 16.59 4.02 12.07
CA SER A 206 17.65 4.94 11.68
C SER A 206 18.09 5.77 12.88
N PRO A 207 19.36 6.22 12.90
CA PRO A 207 19.82 7.03 14.02
C PRO A 207 19.52 8.50 13.78
N VAL A 208 18.54 9.03 14.49
CA VAL A 208 18.03 10.37 14.26
C VAL A 208 18.43 11.22 15.44
N ALA A 209 19.06 12.36 15.16
CA ALA A 209 19.46 13.26 16.21
C ALA A 209 18.26 13.72 17.03
N LYS A 210 18.54 14.10 18.25
CA LYS A 210 17.51 14.50 19.18
C LYS A 210 16.97 15.90 18.91
N ASP A 211 17.66 16.73 18.12
CA ASP A 211 17.13 18.03 17.77
C ASP A 211 16.11 17.95 16.62
N VAL A 212 15.79 16.74 16.16
CA VAL A 212 14.86 16.56 15.04
C VAL A 212 13.44 16.52 15.59
N ASP A 213 12.60 17.44 15.11
CA ASP A 213 11.23 17.61 15.59
C ASP A 213 10.31 17.15 14.46
N LEU A 214 9.82 15.91 14.53
CA LEU A 214 8.99 15.38 13.47
C LEU A 214 7.57 15.95 13.51
N GLU A 215 7.09 16.37 14.68
CA GLU A 215 5.77 17.00 14.74
C GLU A 215 5.77 18.35 14.03
N PHE A 216 6.87 19.09 14.11
CA PHE A 216 6.96 20.31 13.34
C PHE A 216 7.06 20.03 11.84
N LEU A 217 7.79 18.99 11.46
CA LEU A 217 7.85 18.63 10.04
C LEU A 217 6.46 18.25 9.52
N ALA A 218 5.67 17.54 10.34
CA ALA A 218 4.29 17.22 9.94
C ALA A 218 3.46 18.49 9.77
N LYS A 219 3.62 19.46 10.67
CA LYS A 219 2.90 20.74 10.52
C LYS A 219 3.19 21.39 9.17
N MET A 220 4.43 21.32 8.71
CA MET A 220 4.85 22.02 7.52
C MET A 220 4.65 21.21 6.22
N THR A 221 3.96 20.05 6.27
CA THR A 221 3.81 19.24 5.07
C THR A 221 2.34 18.90 4.78
N ASN A 222 1.44 19.86 4.99
CA ASN A 222 0.03 19.59 4.71
C ASN A 222 -0.15 19.33 3.21
N GLY A 223 -0.85 18.25 2.87
CA GLY A 223 -1.03 17.87 1.48
C GLY A 223 0.01 16.92 0.93
N PHE A 224 1.08 16.64 1.68
CA PHE A 224 2.08 15.67 1.24
C PHE A 224 1.52 14.25 1.33
N SER A 225 1.88 13.41 0.36
CA SER A 225 1.58 11.99 0.42
C SER A 225 2.62 11.25 1.26
N GLY A 226 2.36 9.97 1.52
CA GLY A 226 3.35 9.16 2.23
C GLY A 226 4.64 9.00 1.44
N ALA A 227 4.51 8.85 0.11
CA ALA A 227 5.71 8.78 -0.73
C ALA A 227 6.48 10.10 -0.71
N ASP A 228 5.77 11.23 -0.65
CA ASP A 228 6.42 12.54 -0.52
C ASP A 228 7.22 12.63 0.77
N LEU A 229 6.67 12.16 1.88
CA LEU A 229 7.40 12.19 3.15
C LEU A 229 8.65 11.30 3.10
N THR A 230 8.52 10.09 2.52
CA THR A 230 9.64 9.17 2.47
C THR A 230 10.83 9.77 1.72
N GLU A 231 10.56 10.50 0.63
CA GLU A 231 11.66 11.17 -0.09
C GLU A 231 12.42 12.13 0.80
N ILE A 232 11.71 12.92 1.61
CA ILE A 232 12.40 13.82 2.53
C ILE A 232 13.34 13.03 3.44
N CYS A 233 12.87 11.89 3.97
CA CYS A 233 13.71 11.08 4.83
C CYS A 233 14.89 10.52 4.06
N GLN A 234 14.67 10.07 2.82
CA GLN A 234 15.74 9.50 2.03
C GLN A 234 16.79 10.55 1.64
N ARG A 235 16.36 11.77 1.34
CA ARG A 235 17.31 12.84 1.02
C ARG A 235 18.13 13.25 2.24
N ALA A 236 17.50 13.28 3.41
CA ALA A 236 18.22 13.67 4.62
C ALA A 236 19.24 12.61 5.01
N CYS A 237 18.89 11.33 4.82
CA CYS A 237 19.79 10.24 5.16
C CYS A 237 20.99 10.20 4.23
N LYS A 238 20.79 10.45 2.93
CA LYS A 238 21.91 10.53 2.00
C LYS A 238 22.87 11.64 2.40
N LEU A 239 22.33 12.85 2.62
CA LEU A 239 23.15 13.99 3.01
C LEU A 239 24.01 13.66 4.23
N ALA A 240 23.47 12.88 5.17
CA ALA A 240 24.27 12.47 6.33
C ALA A 240 25.38 11.50 5.92
N ILE A 241 25.08 10.55 5.04
CA ILE A 241 26.09 9.57 4.63
C ILE A 241 27.23 10.29 3.92
N ARG A 242 26.89 11.23 3.04
CA ARG A 242 27.89 11.95 2.29
C ARG A 242 28.70 12.88 3.19
N GLU A 243 28.10 13.39 4.25
CA GLU A 243 28.87 14.10 5.27
C GLU A 243 29.82 13.17 6.00
N SER A 244 29.34 11.98 6.38
CA SER A 244 30.18 11.04 7.11
C SER A 244 31.35 10.58 6.25
N ILE A 245 31.10 10.34 4.97
CA ILE A 245 32.16 9.94 4.05
C ILE A 245 33.24 11.02 3.97
N GLU A 246 32.83 12.26 3.74
CA GLU A 246 33.79 13.33 3.49
C GLU A 246 34.62 13.66 4.73
N SER A 247 34.00 13.62 5.92
CA SER A 247 34.72 14.02 7.11
C SER A 247 35.75 12.97 7.53
N GLU A 248 35.48 11.69 7.29
CA GLU A 248 36.50 10.68 7.58
C GLU A 248 37.59 10.67 6.51
N ILE A 249 37.25 11.03 5.28
CA ILE A 249 38.26 11.27 4.25
C ILE A 249 39.24 12.33 4.71
N ARG A 250 38.74 13.40 5.34
CA ARG A 250 39.62 14.49 5.76
C ARG A 250 40.35 14.15 7.05
N ARG A 251 39.66 13.58 8.04
CA ARG A 251 40.32 13.27 9.31
C ARG A 251 41.44 12.26 9.12
N GLU A 252 41.37 11.46 8.05
CA GLU A 252 42.48 10.63 7.62
C GLU A 252 43.74 11.46 7.38
N ARG A 253 43.63 12.77 7.13
CA ARG A 253 44.84 13.55 6.89
C ARG A 253 45.54 14.02 8.15
N GLU A 254 44.85 14.13 9.28
CA GLU A 254 45.52 14.23 10.59
C GLU A 254 46.63 15.28 10.61
N PRO A 269 31.14 5.21 17.26
CA PRO A 269 30.39 6.47 17.23
C PRO A 269 29.51 6.61 15.98
N VAL A 270 28.35 5.98 16.01
CA VAL A 270 27.38 6.00 14.92
C VAL A 270 26.86 7.42 14.69
N PRO A 271 27.10 8.02 13.54
CA PRO A 271 26.62 9.39 13.30
C PRO A 271 25.11 9.42 13.16
N GLU A 272 24.55 10.64 13.14
CA GLU A 272 23.12 10.78 13.15
C GLU A 272 22.64 11.61 11.96
N ILE A 273 21.38 11.40 11.61
CA ILE A 273 20.69 12.35 10.74
C ILE A 273 20.23 13.50 11.64
N ARG A 274 20.72 14.71 11.35
CA ARG A 274 20.53 15.87 12.20
C ARG A 274 19.42 16.76 11.66
N ARG A 275 19.07 17.78 12.46
CA ARG A 275 18.08 18.76 12.02
C ARG A 275 18.51 19.44 10.72
N ASP A 276 19.82 19.70 10.57
CA ASP A 276 20.23 20.46 9.38
C ASP A 276 20.26 19.60 8.11
N HIS A 277 20.39 18.27 8.24
CA HIS A 277 20.18 17.41 7.06
C HIS A 277 18.73 17.50 6.59
N PHE A 278 17.78 17.50 7.53
CA PHE A 278 16.38 17.61 7.19
C PHE A 278 16.07 18.99 6.62
N GLU A 279 16.68 20.03 7.17
CA GLU A 279 16.50 21.38 6.63
C GLU A 279 16.85 21.42 5.14
N GLU A 280 17.98 20.83 4.77
CA GLU A 280 18.43 20.85 3.38
C GLU A 280 17.55 19.97 2.49
N ALA A 281 17.09 18.83 2.99
CA ALA A 281 16.24 17.96 2.19
C ALA A 281 14.91 18.62 1.85
N MET A 282 14.43 19.53 2.69
CA MET A 282 13.06 20.02 2.55
C MET A 282 12.88 21.07 1.45
N ARG A 283 13.90 21.47 0.69
CA ARG A 283 13.59 22.44 -0.35
C ARG A 283 13.68 21.88 -1.76
N PHE A 284 14.04 20.61 -1.93
CA PHE A 284 13.40 19.82 -2.96
C PHE A 284 12.37 18.93 -2.26
N ALA A 285 11.27 19.58 -1.88
CA ALA A 285 10.12 18.89 -1.29
C ALA A 285 8.88 19.64 -1.73
N ARG A 286 8.04 19.00 -2.51
CA ARG A 286 6.75 19.56 -2.84
C ARG A 286 5.77 18.43 -3.10
N ARG A 287 4.50 18.71 -2.82
CA ARG A 287 3.41 17.79 -3.04
C ARG A 287 3.41 17.26 -4.47
N SER A 288 2.99 16.01 -4.64
CA SER A 288 2.85 15.41 -5.95
C SER A 288 1.39 15.26 -6.38
N VAL A 289 0.44 15.66 -5.52
CA VAL A 289 -0.97 15.52 -5.82
C VAL A 289 -1.62 16.88 -5.69
N SER A 290 -2.35 17.29 -6.72
CA SER A 290 -2.85 18.65 -6.79
C SER A 290 -4.06 18.84 -5.89
N ASP A 291 -4.31 20.10 -5.53
CA ASP A 291 -5.48 20.45 -4.74
C ASP A 291 -6.76 20.02 -5.44
N ASN A 292 -6.78 20.08 -6.77
CA ASN A 292 -7.98 19.71 -7.52
C ASN A 292 -8.24 18.20 -7.46
N ASP A 293 -7.20 17.38 -7.58
CA ASP A 293 -7.41 15.94 -7.45
C ASP A 293 -7.83 15.57 -6.03
N ILE A 294 -7.28 16.26 -5.03
CA ILE A 294 -7.67 16.02 -3.63
C ILE A 294 -9.16 16.27 -3.45
N ARG A 295 -9.67 17.38 -3.99
CA ARG A 295 -11.10 17.65 -3.93
C ARG A 295 -11.91 16.50 -4.53
N LYS A 296 -11.45 15.99 -5.67
CA LYS A 296 -12.18 14.93 -6.36
C LYS A 296 -12.20 13.64 -5.52
N TYR A 297 -11.07 13.27 -4.93
CA TYR A 297 -11.06 12.08 -4.07
C TYR A 297 -11.98 12.28 -2.87
N GLU A 298 -11.89 13.43 -2.22
CA GLU A 298 -12.70 13.66 -1.03
C GLU A 298 -14.18 13.65 -1.36
N MET A 299 -14.57 14.24 -2.50
CA MET A 299 -15.98 14.20 -2.89
C MET A 299 -16.45 12.77 -3.12
N PHE A 300 -15.67 11.99 -3.87
CA PHE A 300 -16.03 10.60 -4.10
C PHE A 300 -16.23 9.88 -2.77
N ALA A 301 -15.29 10.02 -1.84
CA ALA A 301 -15.36 9.33 -0.56
C ALA A 301 -16.50 9.83 0.30
N GLN A 302 -16.69 11.16 0.37
CA GLN A 302 -17.73 11.70 1.24
C GLN A 302 -19.13 11.31 0.79
N THR A 303 -19.33 11.13 -0.52
CA THR A 303 -20.67 10.77 -0.98
C THR A 303 -21.00 9.31 -0.70
N LEU A 304 -19.98 8.45 -0.56
CA LEU A 304 -20.20 7.13 0.01
C LEU A 304 -20.23 7.14 1.54
N GLN A 305 -20.38 8.33 2.14
CA GLN A 305 -20.47 8.50 3.58
C GLN A 305 -19.33 7.79 4.30
#